data_8ZYS
#
_entry.id   8ZYS
#
_cell.length_a   49.960
_cell.length_b   50.000
_cell.length_c   126.880
_cell.angle_alpha   78.955
_cell.angle_beta   88.541
_cell.angle_gamma   73.066
#
_symmetry.space_group_name_H-M   'P 1'
#
loop_
_entity.id
_entity.type
_entity.pdbx_description
1 polymer 'Heat shock factor protein 5'
2 polymer 'DNA (25-MER)'
3 polymer 'DNA (25-MER)'
4 water water
#
loop_
_entity_poly.entity_id
_entity_poly.type
_entity_poly.pdbx_seq_one_letter_code
_entity_poly.pdbx_strand_id
1 'polypeptide(L)'
;MHHHHHHPNNFPAKLWRLVNSPRYRSIRWDGRGEGLLIDQPLFEAELLSPPGPGGGGGTAGAGAEPELFKTTSFTSFIRQ
LNLYGFRKVVLGGPGGGKPAGNGPLHHFHNPHFRRDQPQLLVHLKRLTS
;
A,B,C,D,E,F
2 'polydeoxyribonucleotide'
;(DA)(DC)(DT)(DC)(DG)(DC)(DG)(DA)(DA)(DT)(DA)(DT)(DT)(DC)(DT)(DA)(DG)(DA)(DA)(DC)
(DG)(DC)(DG)(DA)(DC)
;
G,I
3 'polydeoxyribonucleotide'
;(DT)(DG)(DT)(DC)(DG)(DC)(DG)(DT)(DT)(DC)(DT)(DA)(DG)(DA)(DA)(DT)(DA)(DT)(DT)(DC)
(DG)(DC)(DG)(DA)(DG)
;
H,J
#
loop_
_chem_comp.id
_chem_comp.type
_chem_comp.name
_chem_comp.formula
DA DNA linking 2'-DEOXYADENOSINE-5'-MONOPHOSPHATE 'C10 H14 N5 O6 P'
DC DNA linking 2'-DEOXYCYTIDINE-5'-MONOPHOSPHATE 'C9 H14 N3 O7 P'
DG DNA linking 2'-DEOXYGUANOSINE-5'-MONOPHOSPHATE 'C10 H14 N5 O7 P'
DT DNA linking THYMIDINE-5'-MONOPHOSPHATE 'C10 H15 N2 O8 P'
#
# COMPACT_ATOMS: atom_id res chain seq x y z
N PRO A 8 -0.91 35.58 -8.28
CA PRO A 8 -2.29 35.65 -7.82
C PRO A 8 -2.57 34.71 -6.65
N ASN A 9 -3.29 35.19 -5.65
CA ASN A 9 -3.65 34.40 -4.47
C ASN A 9 -5.12 34.02 -4.59
N ASN A 10 -5.40 32.91 -5.27
CA ASN A 10 -6.77 32.51 -5.55
C ASN A 10 -7.42 31.71 -4.42
N PHE A 11 -6.64 30.86 -3.74
CA PHE A 11 -7.25 30.00 -2.73
C PHE A 11 -7.91 30.74 -1.60
N PRO A 12 -7.35 31.80 -1.01
CA PRO A 12 -8.09 32.53 0.03
C PRO A 12 -9.42 33.09 -0.44
N ALA A 13 -9.46 33.67 -1.65
CA ALA A 13 -10.72 34.19 -2.16
C ALA A 13 -11.72 33.07 -2.39
N LYS A 14 -11.25 31.93 -2.93
CA LYS A 14 -12.13 30.79 -3.11
C LYS A 14 -12.67 30.31 -1.76
N LEU A 15 -11.81 30.24 -0.75
CA LEU A 15 -12.28 29.79 0.56
C LEU A 15 -13.31 30.75 1.11
N TRP A 16 -13.05 32.05 0.98
CA TRP A 16 -14.03 33.05 1.42
C TRP A 16 -15.36 32.85 0.72
N ARG A 17 -15.34 32.63 -0.60
CA ARG A 17 -16.59 32.41 -1.32
C ARG A 17 -17.33 31.19 -0.79
N LEU A 18 -16.61 30.09 -0.56
CA LEU A 18 -17.24 28.87 -0.06
C LEU A 18 -17.84 29.08 1.31
N VAL A 19 -17.08 29.67 2.23
CA VAL A 19 -17.56 29.81 3.61
C VAL A 19 -18.75 30.74 3.65
N ASN A 20 -18.69 31.84 2.91
CA ASN A 20 -19.73 32.84 2.97
C ASN A 20 -21.00 32.46 2.21
N SER A 21 -20.90 31.59 1.22
CA SER A 21 -22.06 31.38 0.36
C SER A 21 -22.99 30.37 0.99
N PRO A 22 -24.30 30.64 1.07
CA PRO A 22 -25.23 29.62 1.59
C PRO A 22 -25.38 28.41 0.69
N ARG A 23 -25.00 28.44 -0.61
CA ARG A 23 -25.01 27.17 -1.32
C ARG A 23 -24.10 26.17 -0.66
N TYR A 24 -22.92 26.57 -0.21
CA TYR A 24 -21.98 25.57 0.26
C TYR A 24 -22.26 25.42 1.73
N ARG A 25 -23.15 24.47 1.99
CA ARG A 25 -23.71 24.27 3.30
C ARG A 25 -22.73 23.56 4.21
N SER A 26 -21.83 22.77 3.63
CA SER A 26 -20.90 21.97 4.40
C SER A 26 -19.74 22.78 4.98
N ILE A 27 -19.54 24.03 4.56
CA ILE A 27 -18.44 24.83 5.07
C ILE A 27 -18.99 26.23 5.34
N ARG A 28 -18.91 26.67 6.60
CA ARG A 28 -19.63 27.86 7.01
C ARG A 28 -18.90 28.55 8.16
N TRP A 29 -19.28 29.78 8.43
CA TRP A 29 -18.71 30.52 9.55
C TRP A 29 -19.10 29.88 10.88
N ASP A 30 -18.21 29.95 11.86
CA ASP A 30 -18.63 29.54 13.20
C ASP A 30 -19.49 30.64 13.81
N GLY A 31 -19.89 30.44 15.06
CA GLY A 31 -20.85 31.36 15.67
C GLY A 31 -20.33 32.77 15.84
N ARG A 32 -19.01 32.94 15.96
CA ARG A 32 -18.42 34.24 16.16
C ARG A 32 -17.85 34.86 14.89
N GLY A 33 -17.91 34.17 13.76
CA GLY A 33 -17.33 34.69 12.54
C GLY A 33 -15.83 34.85 12.58
N GLU A 34 -15.15 34.05 13.42
CA GLU A 34 -13.69 34.07 13.54
C GLU A 34 -13.05 32.74 13.16
N GLY A 35 -13.83 31.77 12.72
CA GLY A 35 -13.33 30.48 12.29
C GLY A 35 -14.38 29.85 11.41
N LEU A 36 -14.02 28.73 10.79
CA LEU A 36 -14.90 28.03 9.88
C LEU A 36 -15.19 26.62 10.39
N LEU A 37 -16.39 26.15 10.13
CA LEU A 37 -16.88 24.82 10.46
C LEU A 37 -17.11 24.02 9.18
N ILE A 38 -16.60 22.79 9.16
CA ILE A 38 -16.69 21.92 7.98
C ILE A 38 -17.33 20.61 8.37
N ASP A 39 -18.43 20.27 7.71
CA ASP A 39 -19.02 18.95 7.87
C ASP A 39 -18.41 18.04 6.81
N GLN A 40 -17.52 17.15 7.23
CA GLN A 40 -16.74 16.38 6.25
C GLN A 40 -17.60 15.51 5.34
N PRO A 41 -18.57 14.72 5.81
CA PRO A 41 -19.38 13.97 4.83
C PRO A 41 -20.04 14.87 3.79
N LEU A 42 -20.69 15.97 4.21
CA LEU A 42 -21.34 16.82 3.22
C LEU A 42 -20.33 17.49 2.31
N PHE A 43 -19.18 17.90 2.87
CA PHE A 43 -18.14 18.52 2.06
C PHE A 43 -17.68 17.55 0.97
N GLU A 44 -17.44 16.31 1.34
CA GLU A 44 -17.02 15.32 0.36
C GLU A 44 -18.08 15.16 -0.71
N ALA A 45 -19.35 15.17 -0.31
CA ALA A 45 -20.43 14.97 -1.28
C ALA A 45 -20.59 16.18 -2.20
N GLU A 46 -20.46 17.40 -1.70
CA GLU A 46 -20.87 18.55 -2.49
C GLU A 46 -19.71 19.34 -3.09
N LEU A 47 -18.47 19.13 -2.63
CA LEU A 47 -17.35 19.92 -3.11
C LEU A 47 -16.17 19.07 -3.59
N LEU A 48 -16.17 17.77 -3.34
CA LEU A 48 -15.12 16.91 -3.84
C LEU A 48 -15.60 15.79 -4.75
N SER A 49 -16.91 15.48 -4.73
CA SER A 49 -17.45 14.36 -5.51
C SER A 49 -18.02 14.69 -6.90
N PRO A 50 -18.96 15.65 -7.03
CA PRO A 50 -19.56 15.84 -8.36
C PRO A 50 -18.63 16.43 -9.41
N PRO A 66 -16.46 29.72 -6.99
CA PRO A 66 -16.01 28.79 -5.94
C PRO A 66 -15.79 27.42 -6.53
N GLU A 67 -16.87 26.70 -6.74
CA GLU A 67 -16.77 25.50 -7.58
C GLU A 67 -15.83 24.52 -6.89
N LEU A 68 -15.04 23.85 -7.71
CA LEU A 68 -15.00 22.41 -7.70
C LEU A 68 -13.53 22.06 -7.56
N PHE A 69 -13.18 21.45 -6.45
CA PHE A 69 -11.79 21.15 -6.24
C PHE A 69 -11.32 20.01 -7.16
N LYS A 70 -10.02 20.01 -7.43
CA LYS A 70 -9.50 18.97 -8.31
C LYS A 70 -9.37 17.65 -7.58
N THR A 71 -9.07 17.69 -6.28
CA THR A 71 -8.96 16.50 -5.47
C THR A 71 -10.32 15.93 -5.08
N THR A 72 -10.33 14.64 -4.77
CA THR A 72 -11.45 13.98 -4.14
C THR A 72 -11.17 13.64 -2.68
N SER A 73 -10.03 14.06 -2.14
CA SER A 73 -9.60 13.63 -0.82
C SER A 73 -9.67 14.79 0.15
N PHE A 74 -10.44 14.62 1.23
CA PHE A 74 -10.58 15.68 2.22
C PHE A 74 -9.24 16.00 2.86
N THR A 75 -8.36 15.01 2.98
CA THR A 75 -7.04 15.26 3.54
C THR A 75 -6.23 16.21 2.68
N SER A 76 -6.41 16.21 1.35
CA SER A 76 -5.73 17.19 0.51
C SER A 76 -6.25 18.60 0.76
N PHE A 77 -7.57 18.72 0.97
CA PHE A 77 -8.13 20.01 1.32
C PHE A 77 -7.60 20.51 2.67
N ILE A 78 -7.46 19.61 3.65
CA ILE A 78 -6.86 20.00 4.93
C ILE A 78 -5.41 20.45 4.71
N ARG A 79 -4.69 19.74 3.83
CA ARG A 79 -3.32 20.15 3.54
C ARG A 79 -3.28 21.59 3.05
N GLN A 80 -4.21 21.96 2.16
CA GLN A 80 -4.28 23.35 1.68
C GLN A 80 -4.58 24.31 2.82
N LEU A 81 -5.56 23.98 3.65
CA LEU A 81 -5.86 24.84 4.79
C LEU A 81 -4.61 25.11 5.62
N ASN A 82 -3.86 24.05 5.93
CA ASN A 82 -2.63 24.19 6.72
C ASN A 82 -1.61 25.04 6.00
N LEU A 83 -1.42 24.82 4.70
CA LEU A 83 -0.45 25.61 3.95
C LEU A 83 -0.77 27.09 4.04
N TYR A 84 -2.04 27.45 4.13
CA TYR A 84 -2.38 28.86 4.21
C TYR A 84 -2.53 29.35 5.65
N GLY A 85 -2.12 28.57 6.64
CA GLY A 85 -2.03 29.01 8.02
C GLY A 85 -3.24 28.69 8.88
N PHE A 86 -4.21 27.92 8.36
CA PHE A 86 -5.33 27.48 9.20
C PHE A 86 -4.91 26.38 10.14
N ARG A 87 -5.40 26.44 11.37
CA ARG A 87 -5.15 25.39 12.35
C ARG A 87 -6.49 25.03 13.00
N LYS A 88 -6.56 23.83 13.57
CA LYS A 88 -7.75 23.42 14.31
C LYS A 88 -7.92 24.22 15.61
N VAL A 89 -9.15 24.48 15.98
CA VAL A 89 -9.44 25.18 17.24
C VAL A 89 -9.40 24.16 18.36
N VAL A 90 -8.77 24.55 19.48
CA VAL A 90 -8.69 23.70 20.67
C VAL A 90 -9.71 24.19 21.68
N LEU A 91 -10.47 23.25 22.26
CA LEU A 91 -11.40 23.59 23.32
C LEU A 91 -10.85 23.17 24.67
N GLY A 103 -22.03 17.20 17.25
CA GLY A 103 -21.61 17.12 15.87
C GLY A 103 -20.10 17.12 15.70
N PRO A 104 -19.58 16.18 14.87
CA PRO A 104 -18.14 16.07 14.64
C PRO A 104 -17.63 17.01 13.54
N LEU A 105 -18.02 18.27 13.62
CA LEU A 105 -17.53 19.22 12.62
C LEU A 105 -16.08 19.57 12.86
N HIS A 106 -15.38 19.87 11.77
CA HIS A 106 -14.03 20.39 11.90
C HIS A 106 -14.13 21.89 12.14
N HIS A 107 -13.30 22.41 13.04
CA HIS A 107 -13.32 23.83 13.37
C HIS A 107 -11.91 24.36 13.15
N PHE A 108 -11.73 25.19 12.12
CA PHE A 108 -10.44 25.78 11.79
C PHE A 108 -10.46 27.29 11.98
N HIS A 109 -9.26 27.87 12.14
CA HIS A 109 -9.18 29.31 12.30
C HIS A 109 -7.85 29.80 11.75
N ASN A 110 -7.84 31.07 11.36
CA ASN A 110 -6.69 31.82 10.88
C ASN A 110 -6.91 33.25 11.35
N PRO A 111 -5.93 33.90 11.98
CA PRO A 111 -6.14 35.28 12.44
C PRO A 111 -6.54 36.23 11.33
N HIS A 112 -6.17 35.96 10.09
CA HIS A 112 -6.47 36.84 8.97
C HIS A 112 -7.68 36.37 8.14
N PHE A 113 -8.47 35.45 8.67
CA PHE A 113 -9.69 34.96 8.00
C PHE A 113 -10.85 35.19 8.96
N ARG A 114 -11.54 36.34 8.80
CA ARG A 114 -12.58 36.78 9.73
C ARG A 114 -13.71 37.48 9.00
N ARG A 115 -14.94 37.17 9.43
CA ARG A 115 -16.13 37.67 8.76
C ARG A 115 -16.17 39.19 8.79
N ASP A 116 -15.88 39.80 9.95
CA ASP A 116 -16.02 41.24 10.07
C ASP A 116 -14.78 42.03 9.64
N GLN A 117 -13.75 41.36 9.13
CA GLN A 117 -12.55 42.03 8.63
C GLN A 117 -12.07 41.36 7.35
N PRO A 118 -12.83 41.50 6.25
CA PRO A 118 -12.38 40.92 4.98
C PRO A 118 -11.09 41.54 4.45
N GLN A 119 -10.75 42.77 4.84
CA GLN A 119 -9.51 43.39 4.38
C GLN A 119 -8.27 42.64 4.85
N LEU A 120 -8.41 41.80 5.87
CA LEU A 120 -7.28 41.00 6.34
C LEU A 120 -6.96 39.85 5.41
N LEU A 121 -7.88 39.52 4.50
CA LEU A 121 -7.68 38.36 3.62
C LEU A 121 -6.41 38.49 2.80
N VAL A 122 -5.99 39.72 2.51
CA VAL A 122 -4.79 39.96 1.72
C VAL A 122 -3.54 39.37 2.37
N HIS A 123 -3.55 39.16 3.69
CA HIS A 123 -2.35 38.61 4.31
C HIS A 123 -2.27 37.09 4.20
N LEU A 124 -3.32 36.41 3.76
CA LEU A 124 -3.27 34.96 3.68
C LEU A 124 -2.39 34.53 2.52
N LYS A 125 -1.32 33.79 2.82
CA LYS A 125 -0.37 33.38 1.80
C LYS A 125 0.23 32.02 2.16
N ARG A 126 0.69 31.31 1.14
CA ARG A 126 1.58 30.17 1.31
C ARG A 126 2.95 30.68 1.75
N LEU A 127 3.64 29.90 2.57
CA LEU A 127 5.02 30.25 2.93
C LEU A 127 5.96 30.16 1.73
N THR A 128 6.98 31.03 1.73
CA THR A 128 8.00 31.00 0.70
C THR A 128 9.39 31.09 1.31
N PRO B 8 -1.62 6.59 -9.48
CA PRO B 8 -1.39 5.51 -10.44
C PRO B 8 0.03 5.52 -11.01
N ASN B 9 1.02 5.62 -10.12
CA ASN B 9 2.44 5.52 -10.46
C ASN B 9 2.96 6.74 -11.21
N ASN B 10 4.28 6.90 -11.19
CA ASN B 10 5.02 8.02 -11.78
C ASN B 10 4.77 8.13 -13.29
N PHE B 11 4.97 9.33 -13.82
CA PHE B 11 4.64 9.59 -15.22
C PHE B 11 5.38 8.67 -16.20
N PRO B 12 6.69 8.42 -16.08
CA PRO B 12 7.33 7.48 -17.02
C PRO B 12 6.71 6.10 -17.05
N ALA B 13 6.43 5.51 -15.87
CA ALA B 13 5.81 4.19 -15.84
C ALA B 13 4.42 4.22 -16.45
N LYS B 14 3.63 5.24 -16.09
CA LYS B 14 2.29 5.40 -16.64
C LYS B 14 2.33 5.56 -18.15
N LEU B 15 3.26 6.37 -18.67
CA LEU B 15 3.34 6.57 -20.11
C LEU B 15 3.72 5.27 -20.80
N TRP B 16 4.68 4.55 -20.25
CA TRP B 16 5.03 3.24 -20.81
C TRP B 16 3.80 2.34 -20.87
N ARG B 17 3.01 2.32 -19.80
CA ARG B 17 1.80 1.50 -19.80
C ARG B 17 0.85 1.94 -20.90
N LEU B 18 0.65 3.25 -21.05
CA LEU B 18 -0.30 3.77 -22.04
C LEU B 18 0.14 3.44 -23.46
N VAL B 19 1.41 3.67 -23.77
CA VAL B 19 1.93 3.47 -25.12
C VAL B 19 1.92 2.01 -25.48
N ASN B 20 2.31 1.12 -24.54
CA ASN B 20 2.35 -0.28 -24.88
C ASN B 20 0.97 -0.95 -24.91
N SER B 21 -0.01 -0.42 -24.18
CA SER B 21 -1.28 -1.16 -24.11
C SER B 21 -2.18 -0.80 -25.28
N PRO B 22 -2.68 -1.79 -26.04
CA PRO B 22 -3.62 -1.50 -27.12
C PRO B 22 -4.98 -1.02 -26.65
N ARG B 23 -5.31 -1.17 -25.37
CA ARG B 23 -6.57 -0.62 -24.87
C ARG B 23 -6.64 0.88 -25.09
N TYR B 24 -5.50 1.57 -24.99
CA TYR B 24 -5.43 3.02 -25.18
C TYR B 24 -4.91 3.25 -26.59
N ARG B 25 -5.87 3.42 -27.50
CA ARG B 25 -5.62 3.50 -28.93
C ARG B 25 -5.00 4.82 -29.32
N SER B 26 -5.25 5.85 -28.53
CA SER B 26 -4.87 7.21 -28.88
C SER B 26 -3.38 7.47 -28.71
N ILE B 27 -2.65 6.60 -28.03
CA ILE B 27 -1.24 6.83 -27.78
C ILE B 27 -0.51 5.50 -27.97
N ARG B 28 0.44 5.49 -28.90
CA ARG B 28 0.99 4.22 -29.34
C ARG B 28 2.41 4.43 -29.85
N TRP B 29 3.14 3.34 -30.03
CA TRP B 29 4.47 3.41 -30.60
C TRP B 29 4.41 3.82 -32.08
N ASP B 30 5.43 4.57 -32.52
CA ASP B 30 5.53 4.79 -33.96
C ASP B 30 6.08 3.53 -34.62
N GLY B 31 6.31 3.59 -35.92
CA GLY B 31 6.66 2.39 -36.65
C GLY B 31 7.98 1.76 -36.22
N ARG B 32 8.91 2.55 -35.71
CA ARG B 32 10.21 2.03 -35.32
C ARG B 32 10.33 1.77 -33.81
N GLY B 33 9.29 2.05 -33.03
CA GLY B 33 9.36 1.90 -31.59
C GLY B 33 10.34 2.82 -30.92
N GLU B 34 10.62 3.98 -31.53
CA GLU B 34 11.52 4.96 -30.98
C GLU B 34 10.85 6.29 -30.67
N GLY B 35 9.54 6.39 -30.86
CA GLY B 35 8.76 7.57 -30.56
C GLY B 35 7.31 7.14 -30.44
N LEU B 36 6.49 8.07 -29.97
CA LEU B 36 5.09 7.80 -29.73
C LEU B 36 4.23 8.72 -30.58
N LEU B 37 3.09 8.17 -30.99
CA LEU B 37 2.09 8.87 -31.78
C LEU B 37 0.86 9.07 -30.91
N ILE B 38 0.34 10.30 -30.91
CA ILE B 38 -0.81 10.66 -30.10
C ILE B 38 -1.86 11.25 -31.02
N ASP B 39 -3.05 10.65 -31.00
CA ASP B 39 -4.23 11.19 -31.67
C ASP B 39 -4.94 12.07 -30.66
N GLN B 40 -4.82 13.38 -30.81
CA GLN B 40 -5.30 14.27 -29.74
C GLN B 40 -6.80 14.17 -29.46
N PRO B 41 -7.72 14.20 -30.45
CA PRO B 41 -9.15 14.06 -30.08
C PRO B 41 -9.42 12.79 -29.30
N LEU B 42 -8.90 11.65 -29.77
CA LEU B 42 -9.15 10.38 -29.07
C LEU B 42 -8.52 10.36 -27.69
N PHE B 43 -7.31 10.91 -27.56
CA PHE B 43 -6.67 10.98 -26.24
C PHE B 43 -7.52 11.79 -25.27
N GLU B 44 -8.03 12.94 -25.71
CA GLU B 44 -8.90 13.72 -24.83
C GLU B 44 -10.15 12.93 -24.45
N ALA B 45 -10.66 12.13 -25.39
CA ALA B 45 -11.89 11.39 -25.12
C ALA B 45 -11.67 10.23 -24.14
N GLU B 46 -10.56 9.51 -24.28
CA GLU B 46 -10.41 8.25 -23.54
C GLU B 46 -9.44 8.33 -22.37
N LEU B 47 -8.62 9.37 -22.30
CA LEU B 47 -7.60 9.53 -21.27
C LEU B 47 -7.66 10.88 -20.59
N LEU B 48 -8.56 11.76 -20.99
CA LEU B 48 -8.78 13.04 -20.33
C LEU B 48 -10.23 13.28 -19.90
N SER B 49 -11.19 12.51 -20.40
CA SER B 49 -12.62 12.75 -20.16
C SER B 49 -13.14 11.81 -19.09
N PRO B 50 -13.39 12.28 -17.86
CA PRO B 50 -13.92 11.39 -16.83
C PRO B 50 -15.33 10.95 -17.18
N PRO B 51 -15.75 9.75 -16.73
CA PRO B 51 -17.11 9.26 -17.00
C PRO B 51 -18.20 10.10 -16.34
N PRO B 66 -9.27 3.72 -15.28
CA PRO B 66 -8.30 3.35 -14.25
C PRO B 66 -6.93 4.00 -14.42
N GLU B 67 -6.69 4.66 -15.56
CA GLU B 67 -5.41 5.32 -15.84
C GLU B 67 -5.57 6.83 -16.02
N LEU B 68 -6.59 7.40 -15.39
CA LEU B 68 -6.91 8.79 -15.69
C LEU B 68 -5.98 9.77 -14.98
N PHE B 69 -5.48 10.72 -15.76
CA PHE B 69 -4.78 11.87 -15.27
C PHE B 69 -5.76 12.78 -14.53
N LYS B 70 -5.23 13.62 -13.65
CA LYS B 70 -6.15 14.51 -12.97
C LYS B 70 -6.61 15.64 -13.87
N THR B 71 -5.73 16.10 -14.76
CA THR B 71 -6.08 17.19 -15.65
C THR B 71 -7.05 16.74 -16.73
N THR B 72 -7.81 17.70 -17.25
CA THR B 72 -8.66 17.53 -18.42
C THR B 72 -8.09 18.23 -19.64
N SER B 73 -6.89 18.77 -19.54
CA SER B 73 -6.33 19.61 -20.59
C SER B 73 -5.15 18.93 -21.25
N PHE B 74 -5.24 18.79 -22.57
CA PHE B 74 -4.14 18.20 -23.32
C PHE B 74 -2.87 19.03 -23.20
N THR B 75 -3.00 20.34 -23.04
CA THR B 75 -1.80 21.16 -22.89
C THR B 75 -1.02 20.80 -21.62
N SER B 76 -1.72 20.39 -20.55
CA SER B 76 -1.03 19.97 -19.32
C SER B 76 -0.32 18.64 -19.51
N PHE B 77 -0.90 17.75 -20.31
CA PHE B 77 -0.23 16.53 -20.67
C PHE B 77 1.02 16.81 -21.49
N ILE B 78 0.94 17.76 -22.43
CA ILE B 78 2.11 18.17 -23.21
C ILE B 78 3.18 18.73 -22.29
N ARG B 79 2.77 19.52 -21.29
CA ARG B 79 3.74 20.04 -20.33
C ARG B 79 4.51 18.92 -19.66
N GLN B 80 3.79 17.85 -19.26
CA GLN B 80 4.43 16.67 -18.68
C GLN B 80 5.39 16.02 -19.65
N LEU B 81 4.97 15.86 -20.91
CA LEU B 81 5.85 15.26 -21.89
C LEU B 81 7.17 16.02 -22.00
N ASN B 82 7.10 17.35 -22.15
CA ASN B 82 8.31 18.16 -22.27
C ASN B 82 9.12 18.13 -20.98
N LEU B 83 8.45 18.19 -19.83
CA LEU B 83 9.17 18.21 -18.55
C LEU B 83 10.07 17.00 -18.40
N TYR B 84 9.64 15.86 -18.94
CA TYR B 84 10.40 14.62 -18.86
C TYR B 84 11.28 14.40 -20.08
N GLY B 85 11.43 15.41 -20.93
CA GLY B 85 12.43 15.39 -21.99
C GLY B 85 11.93 14.95 -23.34
N PHE B 86 10.63 14.74 -23.51
CA PHE B 86 10.09 14.45 -24.84
C PHE B 86 10.10 15.72 -25.67
N ARG B 87 10.40 15.56 -26.96
CA ARG B 87 10.39 16.65 -27.93
C ARG B 87 9.61 16.19 -29.16
N LYS B 88 9.05 17.14 -29.91
CA LYS B 88 8.38 16.78 -31.16
C LYS B 88 9.38 16.33 -32.21
N VAL B 89 8.98 15.35 -33.01
CA VAL B 89 9.85 14.88 -34.09
C VAL B 89 9.84 15.91 -35.20
N VAL B 90 11.04 16.26 -35.68
CA VAL B 90 11.19 17.24 -36.75
C VAL B 90 10.82 16.58 -38.06
N LEU B 91 9.81 17.12 -38.73
CA LEU B 91 9.29 16.55 -39.98
C LEU B 91 10.30 16.70 -41.12
N PRO B 104 -5.25 16.64 -34.06
CA PRO B 104 -3.96 16.47 -34.72
C PRO B 104 -3.28 15.16 -34.31
N LEU B 105 -2.30 14.71 -35.12
CA LEU B 105 -1.45 13.57 -34.79
C LEU B 105 -0.08 14.09 -34.39
N HIS B 106 0.22 14.03 -33.11
CA HIS B 106 1.52 14.41 -32.59
C HIS B 106 2.49 13.24 -32.55
N HIS B 107 3.75 13.55 -32.83
CA HIS B 107 4.82 12.56 -32.82
C HIS B 107 5.92 13.07 -31.89
N PHE B 108 6.09 12.44 -30.72
CA PHE B 108 7.11 12.82 -29.76
C PHE B 108 8.16 11.72 -29.62
N HIS B 109 9.32 12.11 -29.11
CA HIS B 109 10.39 11.14 -28.93
C HIS B 109 11.25 11.59 -27.75
N ASN B 110 11.90 10.60 -27.13
CA ASN B 110 12.81 10.80 -26.03
C ASN B 110 13.83 9.68 -26.20
N PRO B 111 15.13 9.99 -26.18
CA PRO B 111 16.15 8.92 -26.38
C PRO B 111 16.04 7.79 -25.37
N HIS B 112 15.51 8.04 -24.18
CA HIS B 112 15.43 7.04 -23.12
C HIS B 112 14.06 6.36 -23.05
N PHE B 113 13.22 6.56 -24.05
CA PHE B 113 11.87 5.96 -24.12
C PHE B 113 11.82 5.22 -25.43
N ARG B 114 12.16 3.93 -25.42
CA ARG B 114 12.29 3.12 -26.63
C ARG B 114 11.72 1.74 -26.38
N ARG B 115 10.97 1.24 -27.36
CA ARG B 115 10.23 -0.01 -27.17
C ARG B 115 11.18 -1.15 -26.81
N ASP B 116 12.28 -1.28 -27.51
CA ASP B 116 13.14 -2.43 -27.29
C ASP B 116 14.18 -2.23 -26.18
N GLN B 117 14.14 -1.13 -25.42
CA GLN B 117 15.08 -0.91 -24.32
C GLN B 117 14.40 -0.30 -23.10
N PRO B 118 13.59 -1.07 -22.36
CA PRO B 118 13.01 -0.54 -21.12
C PRO B 118 14.05 -0.17 -20.07
N GLN B 119 15.25 -0.76 -20.13
CA GLN B 119 16.28 -0.40 -19.15
C GLN B 119 16.67 1.06 -19.24
N LEU B 120 16.38 1.74 -20.36
CA LEU B 120 16.69 3.15 -20.47
C LEU B 120 15.74 4.04 -19.69
N LEU B 121 14.58 3.52 -19.25
CA LEU B 121 13.60 4.37 -18.59
C LEU B 121 14.18 5.01 -17.32
N VAL B 122 15.15 4.35 -16.71
CA VAL B 122 15.77 4.87 -15.50
C VAL B 122 16.43 6.22 -15.72
N HIS B 123 16.80 6.56 -16.96
CA HIS B 123 17.46 7.84 -17.24
C HIS B 123 16.49 9.01 -17.36
N LEU B 124 15.19 8.77 -17.39
CA LEU B 124 14.21 9.86 -17.54
C LEU B 124 14.09 10.66 -16.26
N LYS B 125 14.27 11.98 -16.35
CA LYS B 125 14.18 12.87 -15.19
C LYS B 125 13.34 14.08 -15.53
N ARG B 126 12.70 14.65 -14.50
CA ARG B 126 12.07 15.95 -14.63
C ARG B 126 13.13 17.05 -14.66
N LEU B 127 12.95 17.99 -15.57
CA LEU B 127 13.83 19.15 -15.66
C LEU B 127 13.32 20.19 -14.66
N THR B 128 14.02 20.30 -13.54
CA THR B 128 13.56 21.13 -12.44
C THR B 128 14.73 21.91 -11.90
N ASN C 10 -1.95 44.45 -35.47
CA ASN C 10 -3.27 44.11 -35.98
C ASN C 10 -4.08 43.34 -34.93
N PHE C 11 -3.39 42.59 -34.09
CA PHE C 11 -4.09 41.76 -33.11
C PHE C 11 -4.99 42.55 -32.17
N PRO C 12 -4.59 43.70 -31.61
CA PRO C 12 -5.55 44.45 -30.78
C PRO C 12 -6.82 44.82 -31.53
N ALA C 13 -6.69 45.27 -32.77
CA ALA C 13 -7.87 45.62 -33.56
C ALA C 13 -8.74 44.40 -33.85
N LYS C 14 -8.12 43.27 -34.19
CA LYS C 14 -8.88 42.06 -34.43
C LYS C 14 -9.63 41.63 -33.17
N LEU C 15 -8.97 41.70 -32.02
CA LEU C 15 -9.61 41.32 -30.77
C LEU C 15 -10.77 42.23 -30.45
N TRP C 16 -10.58 43.54 -30.64
CA TRP C 16 -11.65 44.50 -30.42
C TRP C 16 -12.86 44.20 -31.30
N ARG C 17 -12.61 43.98 -32.59
CA ARG C 17 -13.70 43.66 -33.52
C ARG C 17 -14.40 42.38 -33.11
N LEU C 18 -13.63 41.35 -32.74
CA LEU C 18 -14.21 40.06 -32.38
C LEU C 18 -15.09 40.18 -31.14
N VAL C 19 -14.59 40.82 -30.09
CA VAL C 19 -15.37 40.91 -28.85
C VAL C 19 -16.62 41.75 -29.08
N ASN C 20 -16.50 42.83 -29.86
CA ASN C 20 -17.64 43.71 -30.08
C ASN C 20 -18.66 43.15 -31.06
N SER C 21 -18.26 42.24 -31.95
CA SER C 21 -19.18 41.79 -33.00
C SER C 21 -20.08 40.67 -32.49
N PRO C 22 -21.42 40.82 -32.60
CA PRO C 22 -22.32 39.73 -32.22
C PRO C 22 -22.27 38.54 -33.18
N ARG C 23 -21.71 38.72 -34.39
CA ARG C 23 -21.57 37.60 -35.30
C ARG C 23 -20.69 36.51 -34.71
N TYR C 24 -19.67 36.90 -33.95
CA TYR C 24 -18.74 35.96 -33.35
C TYR C 24 -19.14 35.74 -31.90
N ARG C 25 -19.90 34.65 -31.69
CA ARG C 25 -20.54 34.36 -30.41
C ARG C 25 -19.55 33.92 -29.35
N SER C 26 -18.45 33.28 -29.77
CA SER C 26 -17.56 32.60 -28.84
C SER C 26 -16.66 33.52 -28.04
N ILE C 27 -16.55 34.79 -28.42
CA ILE C 27 -15.68 35.72 -27.72
C ILE C 27 -16.48 37.01 -27.54
N ARG C 28 -16.64 37.43 -26.29
CA ARG C 28 -17.58 38.49 -25.98
C ARG C 28 -17.12 39.24 -24.75
N TRP C 29 -17.74 40.39 -24.53
CA TRP C 29 -17.49 41.14 -23.31
C TRP C 29 -18.03 40.34 -22.12
N ASP C 30 -17.38 40.50 -20.97
CA ASP C 30 -17.93 39.89 -19.78
C ASP C 30 -19.14 40.71 -19.30
N GLY C 31 -19.72 40.29 -18.17
CA GLY C 31 -20.97 40.90 -17.75
C GLY C 31 -20.84 42.36 -17.38
N ARG C 32 -19.66 42.78 -16.91
CA ARG C 32 -19.42 44.15 -16.50
C ARG C 32 -18.65 44.97 -17.54
N GLY C 33 -18.29 44.37 -18.67
CA GLY C 33 -17.55 45.07 -19.70
C GLY C 33 -16.14 45.50 -19.35
N GLU C 34 -15.45 44.77 -18.47
CA GLU C 34 -14.06 45.07 -18.15
C GLU C 34 -13.11 43.93 -18.52
N GLY C 35 -13.62 42.86 -19.12
CA GLY C 35 -12.82 41.73 -19.54
C GLY C 35 -13.55 40.96 -20.61
N LEU C 36 -12.87 39.97 -21.18
CA LEU C 36 -13.44 39.19 -22.27
C LEU C 36 -13.59 37.73 -21.85
N LEU C 37 -14.66 37.11 -22.36
CA LEU C 37 -15.01 35.72 -22.14
C LEU C 37 -14.88 34.97 -23.46
N ILE C 38 -14.24 33.80 -23.40
CA ILE C 38 -14.01 32.97 -24.58
C ILE C 38 -14.54 31.57 -24.30
N ASP C 39 -15.45 31.11 -25.17
CA ASP C 39 -15.93 29.73 -25.17
C ASP C 39 -15.06 28.93 -26.14
N GLN C 40 -14.17 28.10 -25.59
CA GLN C 40 -13.16 27.45 -26.43
C GLN C 40 -13.71 26.57 -27.53
N PRO C 41 -14.65 25.64 -27.29
CA PRO C 41 -15.16 24.83 -28.42
C PRO C 41 -15.73 25.67 -29.55
N LEU C 42 -16.58 26.64 -29.23
CA LEU C 42 -17.16 27.48 -30.28
C LEU C 42 -16.09 28.32 -30.95
N PHE C 43 -15.13 28.82 -30.18
CA PHE C 43 -14.04 29.61 -30.76
C PHE C 43 -13.24 28.79 -31.76
N GLU C 44 -12.88 27.57 -31.39
CA GLU C 44 -12.16 26.70 -32.33
C GLU C 44 -13.01 26.36 -33.54
N ALA C 45 -14.31 26.15 -33.35
CA ALA C 45 -15.17 25.72 -34.46
C ALA C 45 -15.40 26.84 -35.46
N GLU C 46 -15.60 28.06 -34.99
CA GLU C 46 -16.02 29.17 -35.85
C GLU C 46 -14.91 30.18 -36.12
N LEU C 47 -13.77 30.09 -35.43
CA LEU C 47 -12.73 31.11 -35.54
C LEU C 47 -11.33 30.61 -35.87
N LEU C 48 -11.03 29.31 -35.75
CA LEU C 48 -9.69 28.83 -36.07
C LEU C 48 -9.67 27.76 -37.15
N SER C 49 -10.81 27.12 -37.43
CA SER C 49 -10.98 26.10 -38.44
C SER C 49 -12.25 26.52 -39.18
N PRO C 50 -12.62 25.84 -40.27
CA PRO C 50 -13.76 26.33 -41.06
C PRO C 50 -15.04 26.38 -40.23
N PRO C 51 -15.65 27.58 -40.14
CA PRO C 51 -16.82 27.94 -39.33
C PRO C 51 -18.00 26.98 -39.53
N GLU C 65 -17.92 39.46 -44.42
CA GLU C 65 -16.48 39.22 -44.52
C GLU C 65 -15.96 38.63 -43.23
N PRO C 66 -15.29 37.48 -43.32
CA PRO C 66 -14.81 36.79 -42.12
C PRO C 66 -13.47 37.33 -41.64
N GLU C 67 -13.30 37.28 -40.32
CA GLU C 67 -12.00 37.54 -39.69
C GLU C 67 -11.30 36.19 -39.52
N LEU C 68 -10.15 36.03 -40.15
CA LEU C 68 -9.49 34.74 -40.27
C LEU C 68 -8.15 34.76 -39.54
N PHE C 69 -8.03 33.92 -38.50
CA PHE C 69 -6.74 33.70 -37.88
C PHE C 69 -5.89 32.77 -38.73
N LYS C 70 -4.56 32.93 -38.63
CA LYS C 70 -3.72 32.01 -39.38
C LYS C 70 -3.46 30.72 -38.61
N THR C 71 -3.35 30.80 -37.28
CA THR C 71 -3.17 29.59 -36.50
C THR C 71 -4.50 28.84 -36.44
N THR C 72 -4.40 27.53 -36.26
CA THR C 72 -5.58 26.70 -35.98
C THR C 72 -5.59 26.21 -34.55
N SER C 73 -4.65 26.67 -33.74
CA SER C 73 -4.46 26.18 -32.37
C SER C 73 -4.85 27.27 -31.38
N PHE C 74 -5.74 26.93 -30.45
CA PHE C 74 -6.14 27.88 -29.43
C PHE C 74 -4.98 28.29 -28.53
N THR C 75 -4.01 27.39 -28.30
CA THR C 75 -2.89 27.75 -27.44
C THR C 75 -2.06 28.88 -28.03
N SER C 76 -1.96 28.96 -29.36
CA SER C 76 -1.27 30.09 -29.96
C SER C 76 -2.04 31.39 -29.76
N PHE C 77 -3.38 31.32 -29.81
CA PHE C 77 -4.18 32.49 -29.49
C PHE C 77 -3.97 32.93 -28.04
N ILE C 78 -3.90 31.96 -27.12
CA ILE C 78 -3.61 32.27 -25.73
C ILE C 78 -2.24 32.92 -25.59
N ARG C 79 -1.25 32.41 -26.34
CA ARG C 79 0.07 33.02 -26.35
C ARG C 79 -0.02 34.48 -26.79
N GLN C 80 -0.82 34.75 -27.83
CA GLN C 80 -1.00 36.13 -28.28
C GLN C 80 -1.61 36.99 -27.18
N LEU C 81 -2.64 36.47 -26.51
CA LEU C 81 -3.27 37.23 -25.42
C LEU C 81 -2.27 37.57 -24.34
N ASN C 82 -1.47 36.59 -23.91
CA ASN C 82 -0.47 36.82 -22.87
C ASN C 82 0.62 37.79 -23.34
N LEU C 83 1.06 37.66 -24.59
CA LEU C 83 2.12 38.52 -25.12
C LEU C 83 1.75 39.99 -25.03
N TYR C 84 0.46 40.31 -25.19
CA TYR C 84 -0.01 41.69 -25.11
C TYR C 84 -0.47 42.06 -23.71
N GLY C 85 -0.17 41.24 -22.71
CA GLY C 85 -0.40 41.63 -21.33
C GLY C 85 -1.72 41.22 -20.73
N PHE C 86 -2.52 40.41 -21.42
CA PHE C 86 -3.76 39.92 -20.84
C PHE C 86 -3.47 38.88 -19.76
N ARG C 87 -4.31 38.87 -18.73
CA ARG C 87 -4.17 37.95 -17.61
C ARG C 87 -5.46 37.17 -17.41
N LYS C 88 -5.32 35.94 -16.94
CA LYS C 88 -6.48 35.15 -16.55
C LYS C 88 -7.02 35.66 -15.22
N VAL C 89 -8.35 35.65 -15.09
CA VAL C 89 -8.98 36.09 -13.84
C VAL C 89 -10.20 35.22 -13.54
N ALA C 100 -21.31 30.65 -20.84
CA ALA C 100 -21.50 29.30 -20.36
C ALA C 100 -22.18 28.41 -21.40
N GLY C 101 -21.46 28.10 -22.49
CA GLY C 101 -22.07 27.24 -23.48
C GLY C 101 -22.02 25.75 -23.20
N ASN C 102 -20.83 25.14 -23.31
CA ASN C 102 -20.65 23.74 -22.94
C ASN C 102 -19.32 23.43 -22.27
N GLY C 103 -18.26 24.20 -22.50
CA GLY C 103 -16.94 23.80 -22.10
C GLY C 103 -16.22 24.85 -21.28
N PRO C 104 -14.89 24.90 -21.39
CA PRO C 104 -14.12 25.81 -20.55
C PRO C 104 -14.27 27.27 -20.96
N LEU C 105 -15.03 28.01 -20.18
CA LEU C 105 -15.04 29.47 -20.26
C LEU C 105 -13.76 30.08 -19.73
N HIS C 106 -12.94 30.62 -20.63
CA HIS C 106 -11.77 31.39 -20.26
C HIS C 106 -12.15 32.85 -20.07
N HIS C 107 -11.58 33.46 -19.03
CA HIS C 107 -11.88 34.85 -18.70
C HIS C 107 -10.57 35.63 -18.61
N PHE C 108 -10.33 36.50 -19.58
CA PHE C 108 -9.10 37.29 -19.62
C PHE C 108 -9.42 38.76 -19.40
N HIS C 109 -8.40 39.51 -18.96
CA HIS C 109 -8.55 40.92 -18.71
C HIS C 109 -7.24 41.64 -18.97
N ASN C 110 -7.35 42.90 -19.36
CA ASN C 110 -6.23 43.78 -19.58
C ASN C 110 -6.74 45.18 -19.24
N PRO C 111 -6.03 45.95 -18.42
CA PRO C 111 -6.49 47.30 -18.11
C PRO C 111 -6.65 48.19 -19.34
N HIS C 112 -5.97 47.91 -20.44
CA HIS C 112 -6.02 48.73 -21.65
C HIS C 112 -6.97 48.20 -22.72
N PHE C 113 -7.82 47.24 -22.39
CA PHE C 113 -8.77 46.65 -23.34
C PHE C 113 -10.16 46.87 -22.74
N ARG C 114 -10.84 47.94 -23.15
CA ARG C 114 -11.97 48.44 -22.39
C ARG C 114 -13.12 48.87 -23.26
N ARG C 115 -14.34 48.44 -22.89
CA ARG C 115 -15.51 48.67 -23.74
C ARG C 115 -15.81 50.15 -23.90
N ASP C 116 -15.89 50.89 -22.79
CA ASP C 116 -16.25 52.30 -22.84
C ASP C 116 -15.03 53.21 -22.97
N GLN C 117 -13.84 52.65 -23.14
CA GLN C 117 -12.62 53.44 -23.31
C GLN C 117 -11.74 52.84 -24.39
N PRO C 118 -12.15 52.92 -25.65
CA PRO C 118 -11.32 52.40 -26.75
C PRO C 118 -10.00 53.14 -26.95
N GLN C 119 -9.90 54.40 -26.51
CA GLN C 119 -8.68 55.17 -26.72
C GLN C 119 -7.46 54.55 -26.03
N LEU C 120 -7.67 53.66 -25.07
CA LEU C 120 -6.57 52.99 -24.40
C LEU C 120 -5.91 51.92 -25.26
N LEU C 121 -6.55 51.50 -26.35
CA LEU C 121 -6.02 50.40 -27.17
C LEU C 121 -4.61 50.70 -27.69
N VAL C 122 -4.28 51.98 -27.84
CA VAL C 122 -2.96 52.36 -28.36
C VAL C 122 -1.83 51.91 -27.42
N HIS C 123 -2.13 51.67 -26.15
CA HIS C 123 -1.08 51.29 -25.20
C HIS C 123 -0.72 49.81 -25.23
N LEU C 124 -1.41 49.00 -26.01
CA LEU C 124 -1.13 47.57 -26.07
C LEU C 124 0.16 47.31 -26.83
N LYS C 125 1.09 46.60 -26.21
CA LYS C 125 2.38 46.30 -26.80
C LYS C 125 2.64 44.81 -26.64
N ARG C 126 3.29 44.22 -27.63
CA ARG C 126 3.81 42.87 -27.48
C ARG C 126 5.12 42.89 -26.70
N HIS D 7 21.71 -25.74 14.71
CA HIS D 7 22.16 -27.12 14.86
C HIS D 7 21.43 -28.12 13.94
N PRO D 8 20.07 -28.17 13.98
CA PRO D 8 19.37 -29.17 13.14
C PRO D 8 19.56 -29.02 11.63
N ASN D 9 19.39 -27.82 11.06
CA ASN D 9 19.51 -27.58 9.62
C ASN D 9 18.54 -28.47 8.83
N ASN D 10 17.25 -28.19 9.04
CA ASN D 10 16.17 -29.01 8.51
C ASN D 10 15.73 -28.61 7.10
N PHE D 11 15.91 -27.36 6.69
CA PHE D 11 15.42 -26.96 5.38
C PHE D 11 16.05 -27.74 4.22
N PRO D 12 17.37 -27.98 4.18
CA PRO D 12 17.89 -28.81 3.08
C PRO D 12 17.28 -30.20 3.03
N ALA D 13 17.12 -30.86 4.19
CA ALA D 13 16.52 -32.19 4.19
C ALA D 13 15.08 -32.14 3.70
N LYS D 14 14.32 -31.13 4.14
CA LYS D 14 12.96 -30.96 3.66
C LYS D 14 12.91 -30.73 2.16
N LEU D 15 13.82 -29.90 1.63
CA LEU D 15 13.83 -29.66 0.19
C LEU D 15 14.14 -30.94 -0.57
N TRP D 16 15.11 -31.70 -0.07
CA TRP D 16 15.45 -32.99 -0.67
C TRP D 16 14.25 -33.91 -0.71
N ARG D 17 13.51 -34.00 0.41
CA ARG D 17 12.31 -34.84 0.43
C ARG D 17 11.30 -34.37 -0.60
N LEU D 18 11.08 -33.05 -0.70
CA LEU D 18 10.10 -32.54 -1.64
C LEU D 18 10.50 -32.85 -3.08
N VAL D 19 11.75 -32.61 -3.44
CA VAL D 19 12.19 -32.80 -4.81
C VAL D 19 12.18 -34.27 -5.18
N ASN D 20 12.63 -35.13 -4.27
CA ASN D 20 12.74 -36.55 -4.60
C ASN D 20 11.40 -37.27 -4.58
N SER D 21 10.41 -36.79 -3.84
CA SER D 21 9.19 -37.57 -3.72
C SER D 21 8.23 -37.27 -4.86
N PRO D 22 7.76 -38.29 -5.58
CA PRO D 22 6.75 -38.04 -6.63
C PRO D 22 5.41 -37.59 -6.07
N ARG D 23 5.18 -37.76 -4.76
CA ARG D 23 3.96 -37.24 -4.15
C ARG D 23 3.85 -35.74 -4.34
N TYR D 24 4.98 -35.02 -4.34
CA TYR D 24 5.02 -33.58 -4.53
C TYR D 24 5.44 -33.31 -5.97
N ARG D 25 4.45 -33.15 -6.82
CA ARG D 25 4.62 -33.11 -8.27
C ARG D 25 5.16 -31.77 -8.75
N SER D 26 4.89 -30.69 -8.00
CA SER D 26 5.22 -29.35 -8.45
C SER D 26 6.70 -29.02 -8.33
N ILE D 27 7.48 -29.84 -7.63
CA ILE D 27 8.88 -29.57 -7.42
C ILE D 27 9.65 -30.87 -7.65
N ARG D 28 10.59 -30.85 -8.58
CA ARG D 28 11.19 -32.09 -9.03
C ARG D 28 12.58 -31.83 -9.57
N TRP D 29 13.35 -32.91 -9.72
CA TRP D 29 14.68 -32.81 -10.30
C TRP D 29 14.59 -32.37 -11.75
N ASP D 30 15.60 -31.63 -12.20
CA ASP D 30 15.68 -31.37 -13.64
C ASP D 30 16.20 -32.61 -14.35
N GLY D 31 16.38 -32.51 -15.66
CA GLY D 31 16.70 -33.69 -16.44
C GLY D 31 18.04 -34.31 -16.12
N ARG D 32 19.00 -33.51 -15.64
CA ARG D 32 20.33 -34.00 -15.31
C ARG D 32 20.51 -34.25 -13.82
N GLY D 33 19.48 -34.00 -13.03
CA GLY D 33 19.57 -34.16 -11.59
C GLY D 33 20.56 -33.23 -10.94
N GLU D 34 20.80 -32.07 -11.55
CA GLU D 34 21.74 -31.07 -11.02
C GLU D 34 21.04 -29.78 -10.61
N GLY D 35 19.72 -29.72 -10.73
CA GLY D 35 18.92 -28.57 -10.37
C GLY D 35 17.47 -29.01 -10.19
N LEU D 36 16.64 -28.08 -9.72
CA LEU D 36 15.24 -28.37 -9.47
C LEU D 36 14.34 -27.48 -10.34
N LEU D 37 13.21 -28.05 -10.72
CA LEU D 37 12.17 -27.40 -11.48
C LEU D 37 10.93 -27.24 -10.61
N ILE D 38 10.35 -26.05 -10.63
CA ILE D 38 9.18 -25.71 -9.82
C ILE D 38 8.10 -25.17 -10.73
N ASP D 39 6.93 -25.80 -10.69
CA ASP D 39 5.76 -25.25 -11.35
C ASP D 39 5.01 -24.42 -10.32
N GLN D 40 5.11 -23.09 -10.42
CA GLN D 40 4.61 -22.22 -9.36
C GLN D 40 3.12 -22.39 -9.08
N PRO D 41 2.22 -22.39 -10.07
CA PRO D 41 0.80 -22.61 -9.72
C PRO D 41 0.57 -23.91 -8.95
N LEU D 42 1.14 -25.04 -9.42
CA LEU D 42 0.89 -26.28 -8.69
C LEU D 42 1.52 -26.24 -7.31
N PHE D 43 2.71 -25.63 -7.20
CA PHE D 43 3.36 -25.53 -5.91
C PHE D 43 2.49 -24.74 -4.94
N GLU D 44 1.92 -23.63 -5.40
CA GLU D 44 1.05 -22.86 -4.52
C GLU D 44 -0.14 -23.69 -4.09
N ALA D 45 -0.65 -24.54 -4.99
CA ALA D 45 -1.81 -25.36 -4.64
C ALA D 45 -1.47 -26.48 -3.65
N GLU D 46 -0.31 -27.13 -3.80
CA GLU D 46 -0.09 -28.34 -3.00
C GLU D 46 0.86 -28.17 -1.82
N LEU D 47 1.63 -27.08 -1.77
CA LEU D 47 2.59 -26.92 -0.69
C LEU D 47 2.45 -25.62 0.07
N LEU D 48 1.62 -24.68 -0.38
CA LEU D 48 1.38 -23.44 0.36
C LEU D 48 -0.07 -23.19 0.72
N SER D 49 -1.03 -23.86 0.06
CA SER D 49 -2.45 -23.61 0.30
C SER D 49 -3.12 -24.54 1.33
N PRO D 50 -2.99 -25.88 1.21
CA PRO D 50 -3.73 -26.72 2.16
C PRO D 50 -3.23 -26.63 3.60
N GLU D 65 -0.14 -31.97 3.71
CA GLU D 65 -0.26 -31.63 5.13
C GLU D 65 1.03 -31.90 5.95
N PRO D 66 1.66 -33.10 5.79
CA PRO D 66 2.91 -33.33 6.53
C PRO D 66 4.01 -32.33 6.19
N GLU D 67 4.35 -32.21 4.90
CA GLU D 67 5.38 -31.28 4.46
C GLU D 67 4.82 -29.92 4.09
N LEU D 68 3.67 -29.56 4.66
CA LEU D 68 3.06 -28.25 4.45
C LEU D 68 4.01 -27.13 4.81
N PHE D 69 4.28 -26.24 3.86
CA PHE D 69 5.07 -25.08 4.22
C PHE D 69 4.22 -24.16 5.09
N LYS D 70 4.90 -23.38 5.94
CA LYS D 70 4.07 -22.55 6.80
C LYS D 70 3.60 -21.28 6.12
N THR D 71 4.38 -20.72 5.20
CA THR D 71 3.97 -19.55 4.43
C THR D 71 2.96 -19.90 3.35
N THR D 72 2.22 -18.88 2.90
CA THR D 72 1.37 -19.01 1.72
C THR D 72 1.90 -18.29 0.49
N SER D 73 3.09 -17.69 0.56
CA SER D 73 3.60 -16.85 -0.53
C SER D 73 4.80 -17.53 -1.18
N PHE D 74 4.71 -17.71 -2.50
CA PHE D 74 5.80 -18.33 -3.24
C PHE D 74 7.08 -17.52 -3.12
N THR D 75 6.95 -16.18 -3.04
CA THR D 75 8.14 -15.34 -2.89
C THR D 75 8.89 -15.61 -1.58
N SER D 76 8.18 -15.99 -0.52
CA SER D 76 8.87 -16.34 0.73
C SER D 76 9.65 -17.64 0.58
N PHE D 77 9.09 -18.59 -0.16
CA PHE D 77 9.82 -19.82 -0.46
C PHE D 77 11.08 -19.53 -1.28
N ILE D 78 10.98 -18.64 -2.27
CA ILE D 78 12.17 -18.25 -3.03
C ILE D 78 13.19 -17.59 -2.11
N ARG D 79 12.73 -16.76 -1.19
CA ARG D 79 13.66 -16.17 -0.24
C ARG D 79 14.45 -17.25 0.49
N GLN D 80 13.75 -18.30 0.93
CA GLN D 80 14.44 -19.43 1.59
C GLN D 80 15.43 -20.09 0.65
N LEU D 81 15.03 -20.34 -0.60
CA LEU D 81 15.96 -20.95 -1.55
C LEU D 81 17.23 -20.13 -1.66
N ASN D 82 17.09 -18.81 -1.80
CA ASN D 82 18.25 -17.92 -1.92
C ASN D 82 19.10 -17.95 -0.66
N LEU D 83 18.46 -17.97 0.52
CA LEU D 83 19.23 -18.01 1.77
C LEU D 83 20.14 -19.22 1.83
N TYR D 84 19.72 -20.35 1.26
CA TYR D 84 20.54 -21.54 1.28
C TYR D 84 21.41 -21.67 0.03
N GLY D 85 21.49 -20.63 -0.79
CA GLY D 85 22.44 -20.57 -1.88
C GLY D 85 21.92 -20.99 -3.23
N PHE D 86 20.63 -21.26 -3.37
CA PHE D 86 20.06 -21.56 -4.70
C PHE D 86 19.97 -20.30 -5.53
N ARG D 87 20.28 -20.43 -6.82
CA ARG D 87 20.16 -19.35 -7.78
C ARG D 87 19.43 -19.88 -9.01
N LYS D 88 18.81 -18.98 -9.77
CA LYS D 88 18.14 -19.35 -11.01
C LYS D 88 19.16 -19.79 -12.06
N VAL D 89 18.76 -20.74 -12.91
CA VAL D 89 19.65 -21.20 -13.98
C VAL D 89 19.44 -20.29 -15.17
N VAL D 90 20.53 -19.79 -15.74
CA VAL D 90 20.46 -18.89 -16.88
C VAL D 90 20.49 -19.66 -18.21
N PRO D 104 6.82 -22.45 -18.35
CA PRO D 104 7.42 -21.41 -17.50
C PRO D 104 7.74 -21.91 -16.10
N LEU D 105 8.49 -23.01 -16.01
CA LEU D 105 8.91 -23.50 -14.71
C LEU D 105 10.12 -22.70 -14.21
N HIS D 106 10.23 -22.58 -12.90
CA HIS D 106 11.42 -22.00 -12.31
C HIS D 106 12.49 -23.08 -12.25
N HIS D 107 13.71 -22.72 -12.58
CA HIS D 107 14.82 -23.67 -12.59
C HIS D 107 15.91 -23.10 -11.69
N PHE D 108 16.12 -23.75 -10.53
CA PHE D 108 17.11 -23.35 -9.54
C PHE D 108 18.23 -24.38 -9.45
N HIS D 109 19.37 -23.93 -8.94
CA HIS D 109 20.50 -24.83 -8.76
C HIS D 109 21.37 -24.36 -7.60
N ASN D 110 22.06 -25.33 -7.01
CA ASN D 110 22.99 -25.19 -5.94
C ASN D 110 24.03 -26.27 -6.16
N PRO D 111 25.33 -25.93 -6.12
CA PRO D 111 26.37 -26.94 -6.33
C PRO D 111 26.30 -28.12 -5.37
N HIS D 112 25.75 -27.93 -4.17
CA HIS D 112 25.71 -28.98 -3.16
C HIS D 112 24.35 -29.67 -3.10
N PHE D 113 23.49 -29.44 -4.08
CA PHE D 113 22.18 -30.07 -4.17
C PHE D 113 22.09 -30.76 -5.53
N ARG D 114 22.50 -32.02 -5.60
CA ARG D 114 22.42 -32.72 -6.88
C ARG D 114 22.12 -34.20 -6.59
N ARG D 115 21.30 -34.80 -7.46
CA ARG D 115 20.69 -36.10 -7.18
C ARG D 115 21.70 -37.21 -6.91
N ASP D 116 22.77 -37.29 -7.71
CA ASP D 116 23.67 -38.43 -7.61
C ASP D 116 24.79 -38.26 -6.58
N GLN D 117 24.81 -37.16 -5.82
CA GLN D 117 25.69 -36.98 -4.64
C GLN D 117 24.91 -36.40 -3.47
N PRO D 118 24.08 -37.20 -2.81
CA PRO D 118 23.38 -36.70 -1.62
C PRO D 118 24.32 -36.32 -0.48
N GLN D 119 25.54 -36.89 -0.43
CA GLN D 119 26.47 -36.56 0.65
C GLN D 119 26.86 -35.08 0.64
N LEU D 120 26.63 -34.37 -0.47
CA LEU D 120 26.95 -32.95 -0.50
C LEU D 120 25.93 -32.11 0.25
N LEU D 121 24.77 -32.69 0.57
CA LEU D 121 23.72 -31.92 1.22
C LEU D 121 24.16 -31.33 2.55
N VAL D 122 25.15 -31.95 3.20
CA VAL D 122 25.65 -31.44 4.49
C VAL D 122 26.23 -30.04 4.36
N HIS D 123 26.65 -29.62 3.17
CA HIS D 123 27.25 -28.29 3.04
C HIS D 123 26.22 -27.17 2.89
N LEU D 124 24.95 -27.49 2.70
CA LEU D 124 23.95 -26.43 2.54
C LEU D 124 23.65 -25.76 3.88
N LYS D 125 23.90 -24.46 3.97
CA LYS D 125 23.64 -23.71 5.19
C LYS D 125 23.21 -22.29 4.86
N ARG D 126 22.54 -21.66 5.82
CA ARG D 126 22.39 -20.21 5.78
C ARG D 126 23.72 -19.56 6.10
N LEU D 127 23.95 -18.37 5.54
CA LEU D 127 25.13 -17.63 5.94
C LEU D 127 24.94 -17.05 7.34
N THR D 128 26.04 -16.92 8.07
CA THR D 128 26.00 -16.39 9.42
C THR D 128 26.93 -15.18 9.59
N ASN E 9 -0.53 -6.01 11.37
CA ASN E 9 0.38 -4.98 11.88
C ASN E 9 1.32 -5.54 12.95
N ASN E 10 2.27 -4.70 13.38
CA ASN E 10 3.21 -5.05 14.45
C ASN E 10 2.48 -5.53 15.69
N PHE E 11 3.17 -6.36 16.48
CA PHE E 11 2.53 -7.01 17.62
C PHE E 11 1.91 -6.05 18.62
N PRO E 12 2.53 -4.94 19.04
CA PRO E 12 1.85 -4.05 20.01
C PRO E 12 0.52 -3.51 19.53
N ALA E 13 0.46 -3.02 18.29
CA ALA E 13 -0.79 -2.50 17.75
C ALA E 13 -1.83 -3.59 17.62
N LYS E 14 -1.41 -4.76 17.15
CA LYS E 14 -2.30 -5.90 17.03
C LYS E 14 -2.86 -6.31 18.39
N LEU E 15 -2.01 -6.37 19.41
CA LEU E 15 -2.45 -6.75 20.74
C LEU E 15 -3.44 -5.73 21.29
N TRP E 16 -3.16 -4.43 21.10
CA TRP E 16 -4.10 -3.40 21.51
C TRP E 16 -5.47 -3.62 20.85
N ARG E 17 -5.47 -3.92 19.54
CA ARG E 17 -6.73 -4.17 18.86
C ARG E 17 -7.46 -5.36 19.46
N LEU E 18 -6.74 -6.44 19.74
CA LEU E 18 -7.35 -7.66 20.28
C LEU E 18 -7.94 -7.40 21.67
N VAL E 19 -7.16 -6.77 22.54
CA VAL E 19 -7.60 -6.53 23.91
C VAL E 19 -8.78 -5.58 23.94
N ASN E 20 -8.75 -4.53 23.11
CA ASN E 20 -9.84 -3.56 23.11
C ASN E 20 -11.10 -4.06 22.40
N SER E 21 -11.00 -4.98 21.46
CA SER E 21 -12.20 -5.31 20.69
C SER E 21 -13.04 -6.37 21.40
N PRO E 22 -14.33 -6.14 21.64
CA PRO E 22 -15.18 -7.19 22.23
C PRO E 22 -15.41 -8.37 21.30
N ARG E 23 -15.10 -8.22 20.00
CA ARG E 23 -15.21 -9.34 19.08
C ARG E 23 -14.33 -10.50 19.51
N TYR E 24 -13.16 -10.19 20.09
CA TYR E 24 -12.24 -11.22 20.57
C TYR E 24 -12.43 -11.35 22.07
N ARG E 25 -13.27 -12.31 22.46
CA ARG E 25 -13.70 -12.47 23.83
C ARG E 25 -12.61 -13.04 24.71
N SER E 26 -11.69 -13.77 24.10
CA SER E 26 -10.68 -14.53 24.83
C SER E 26 -9.54 -13.68 25.37
N ILE E 27 -9.43 -12.43 24.95
CA ILE E 27 -8.34 -11.59 25.39
C ILE E 27 -8.91 -10.20 25.66
N ARG E 28 -8.79 -9.72 26.90
CA ARG E 28 -9.54 -8.53 27.28
C ARG E 28 -8.82 -7.81 28.42
N TRP E 29 -9.22 -6.56 28.65
CA TRP E 29 -8.67 -5.80 29.76
C TRP E 29 -9.10 -6.40 31.10
N ASP E 30 -8.22 -6.31 32.09
CA ASP E 30 -8.65 -6.67 33.43
C ASP E 30 -9.49 -5.53 34.01
N GLY E 31 -9.88 -5.67 35.28
CA GLY E 31 -10.82 -4.74 35.86
C GLY E 31 -10.30 -3.32 35.99
N ARG E 32 -8.98 -3.16 36.08
CA ARG E 32 -8.38 -1.83 36.20
C ARG E 32 -7.83 -1.29 34.88
N GLY E 33 -7.91 -2.08 33.81
CA GLY E 33 -7.36 -1.65 32.54
C GLY E 33 -5.87 -1.46 32.56
N GLU E 34 -5.16 -2.18 33.43
CA GLU E 34 -3.72 -2.11 33.55
C GLU E 34 -3.04 -3.44 33.25
N GLY E 35 -3.81 -4.45 32.86
CA GLY E 35 -3.30 -5.76 32.51
C GLY E 35 -4.35 -6.44 31.65
N LEU E 36 -3.95 -7.56 31.07
CA LEU E 36 -4.82 -8.28 30.16
C LEU E 36 -5.08 -9.69 30.69
N LEU E 37 -6.30 -10.18 30.42
CA LEU E 37 -6.75 -11.51 30.78
C LEU E 37 -6.94 -12.33 29.51
N ILE E 38 -6.40 -13.54 29.50
CA ILE E 38 -6.46 -14.43 28.35
C ILE E 38 -7.08 -15.74 28.79
N ASP E 39 -8.18 -16.11 28.14
CA ASP E 39 -8.79 -17.43 28.30
C ASP E 39 -8.16 -18.32 27.24
N GLN E 40 -7.20 -19.16 27.65
CA GLN E 40 -6.40 -19.89 26.66
C GLN E 40 -7.21 -20.82 25.75
N PRO E 41 -8.12 -21.66 26.23
CA PRO E 41 -8.91 -22.47 25.26
C PRO E 41 -9.62 -21.61 24.22
N LEU E 42 -10.29 -20.53 24.65
CA LEU E 42 -11.01 -19.68 23.71
C LEU E 42 -10.07 -18.96 22.76
N PHE E 43 -8.91 -18.53 23.27
CA PHE E 43 -7.92 -17.88 22.42
C PHE E 43 -7.44 -18.85 21.34
N GLU E 44 -7.14 -20.08 21.72
CA GLU E 44 -6.72 -21.06 20.74
C GLU E 44 -7.79 -21.27 19.68
N ALA E 45 -9.06 -21.26 20.11
CA ALA E 45 -10.14 -21.52 19.17
C ALA E 45 -10.36 -20.35 18.21
N GLU E 46 -10.25 -19.11 18.69
CA GLU E 46 -10.72 -18.01 17.87
C GLU E 46 -9.60 -17.18 17.23
N LEU E 47 -8.35 -17.35 17.67
CA LEU E 47 -7.23 -16.56 17.15
C LEU E 47 -6.05 -17.41 16.70
N LEU E 48 -6.06 -18.70 16.96
CA LEU E 48 -4.99 -19.59 16.55
C LEU E 48 -5.47 -20.71 15.65
N SER E 49 -6.78 -20.95 15.54
CA SER E 49 -7.35 -22.04 14.77
C SER E 49 -7.87 -21.53 13.44
N PRO E 50 -7.22 -21.83 12.32
CA PRO E 50 -7.71 -21.37 11.01
C PRO E 50 -9.01 -22.07 10.63
N PRO E 51 -9.68 -21.63 9.55
CA PRO E 51 -10.83 -22.32 8.95
C PRO E 51 -10.64 -23.82 8.81
N GLU E 65 -10.74 -7.97 8.05
CA GLU E 65 -11.28 -8.22 9.39
C GLU E 65 -10.57 -9.27 10.27
N PRO E 66 -10.00 -10.34 9.70
CA PRO E 66 -9.36 -11.35 10.55
C PRO E 66 -8.03 -10.87 11.12
N GLU E 67 -7.76 -11.26 12.37
CA GLU E 67 -6.53 -10.95 13.08
C GLU E 67 -5.75 -12.23 13.41
N LEU E 68 -5.85 -13.21 12.54
CA LEU E 68 -5.43 -14.59 12.83
C LEU E 68 -3.91 -14.71 12.74
N PHE E 69 -3.29 -15.16 13.83
CA PHE E 69 -1.85 -15.31 13.93
C PHE E 69 -1.30 -16.36 12.98
N LYS E 70 0.01 -16.25 12.68
CA LYS E 70 0.61 -17.23 11.79
C LYS E 70 0.88 -18.54 12.53
N THR E 71 1.24 -18.45 13.81
CA THR E 71 1.45 -19.63 14.64
C THR E 71 0.11 -20.23 15.04
N THR E 72 0.13 -21.53 15.33
CA THR E 72 -0.99 -22.23 15.93
C THR E 72 -0.74 -22.58 17.40
N SER E 73 0.38 -22.13 17.96
CA SER E 73 0.78 -22.57 19.29
C SER E 73 0.68 -21.41 20.28
N PHE E 74 -0.06 -21.64 21.36
CA PHE E 74 -0.19 -20.63 22.39
C PHE E 74 1.14 -20.30 23.02
N THR E 75 2.06 -21.28 23.08
CA THR E 75 3.37 -21.00 23.64
C THR E 75 4.14 -19.99 22.80
N SER E 76 3.93 -19.97 21.48
CA SER E 76 4.56 -18.94 20.65
C SER E 76 3.97 -17.57 20.90
N PHE E 77 2.66 -17.50 21.12
CA PHE E 77 2.06 -16.23 21.50
C PHE E 77 2.60 -15.74 22.85
N ILE E 78 2.77 -16.66 23.82
CA ILE E 78 3.38 -16.31 25.10
C ILE E 78 4.81 -15.81 24.89
N ARG E 79 5.55 -16.45 23.99
CA ARG E 79 6.90 -15.96 23.69
C ARG E 79 6.85 -14.51 23.24
N GLN E 80 5.88 -14.16 22.41
CA GLN E 80 5.74 -12.77 21.96
C GLN E 80 5.41 -11.84 23.14
N LEU E 81 4.49 -12.26 24.00
CA LEU E 81 4.16 -11.41 25.15
C LEU E 81 5.41 -11.10 25.97
N ASN E 82 6.19 -12.14 26.31
CA ASN E 82 7.41 -11.92 27.10
C ASN E 82 8.44 -11.10 26.33
N LEU E 83 8.58 -11.37 25.02
CA LEU E 83 9.56 -10.64 24.23
C LEU E 83 9.30 -9.14 24.28
N TYR E 84 8.04 -8.74 24.37
CA TYR E 84 7.70 -7.33 24.41
C TYR E 84 7.54 -6.79 25.83
N GLY E 85 7.97 -7.56 26.85
CA GLY E 85 8.05 -7.07 28.21
C GLY E 85 6.85 -7.35 29.08
N PHE E 86 5.86 -8.12 28.59
CA PHE E 86 4.74 -8.50 29.44
C PHE E 86 5.22 -9.56 30.44
N ARG E 87 4.69 -9.48 31.66
CA ARG E 87 4.98 -10.47 32.69
C ARG E 87 3.66 -10.92 33.31
N LYS E 88 3.66 -12.13 33.88
CA LYS E 88 2.50 -12.63 34.59
C LYS E 88 2.30 -11.85 35.89
N VAL E 89 1.05 -11.66 36.27
CA VAL E 89 0.71 -10.91 37.47
C VAL E 89 0.76 -11.87 38.66
N VAL E 90 1.45 -11.47 39.71
CA VAL E 90 1.49 -12.22 40.95
C VAL E 90 0.57 -11.53 41.94
N LEU E 91 -0.59 -12.12 42.19
CA LEU E 91 -1.56 -11.54 43.12
C LEU E 91 -2.20 -12.62 43.98
N LEU E 105 -8.05 -16.21 33.28
CA LEU E 105 -7.16 -17.36 33.29
C LEU E 105 -5.71 -16.90 33.37
N HIS E 106 -5.11 -16.54 32.24
CA HIS E 106 -3.79 -15.94 32.27
C HIS E 106 -3.95 -14.44 32.48
N HIS E 107 -3.10 -13.88 33.33
CA HIS E 107 -3.14 -12.46 33.67
C HIS E 107 -1.74 -11.89 33.43
N PHE E 108 -1.58 -11.08 32.39
CA PHE E 108 -0.28 -10.46 32.07
C PHE E 108 -0.35 -8.94 32.22
N HIS E 109 0.83 -8.33 32.39
CA HIS E 109 0.84 -6.87 32.51
C HIS E 109 2.15 -6.33 31.96
N ASN E 110 2.08 -5.08 31.51
CA ASN E 110 3.18 -4.36 30.98
C ASN E 110 2.95 -2.91 31.36
N PRO E 111 3.94 -2.25 31.96
CA PRO E 111 3.77 -0.85 32.38
C PRO E 111 3.38 0.08 31.25
N HIS E 112 3.75 -0.23 30.01
CA HIS E 112 3.46 0.64 28.87
C HIS E 112 2.24 0.19 28.08
N PHE E 113 1.44 -0.72 28.62
CA PHE E 113 0.24 -1.26 27.95
C PHE E 113 -0.91 -1.04 28.91
N ARG E 114 -1.60 0.09 28.75
CA ARG E 114 -2.62 0.52 29.70
C ARG E 114 -3.78 1.17 28.95
N ARG E 115 -5.00 0.82 29.38
CA ARG E 115 -6.19 1.22 28.62
C ARG E 115 -6.29 2.74 28.50
N ASP E 116 -6.13 3.46 29.60
CA ASP E 116 -6.33 4.90 29.54
C ASP E 116 -5.07 5.68 29.17
N GLN E 117 -3.99 5.00 28.76
CA GLN E 117 -2.77 5.69 28.32
C GLN E 117 -2.19 5.04 27.06
N PRO E 118 -2.87 5.18 25.93
CA PRO E 118 -2.31 4.63 24.68
C PRO E 118 -1.00 5.30 24.26
N GLN E 119 -0.74 6.52 24.70
CA GLN E 119 0.52 7.20 24.35
C GLN E 119 1.73 6.46 24.87
N LEU E 120 1.55 5.54 25.82
CA LEU E 120 2.65 4.74 26.34
C LEU E 120 3.08 3.62 25.41
N LEU E 121 2.25 3.28 24.41
CA LEU E 121 2.57 2.13 23.56
C LEU E 121 3.89 2.32 22.83
N VAL E 122 4.29 3.57 22.60
CA VAL E 122 5.55 3.86 21.92
C VAL E 122 6.76 3.32 22.69
N HIS E 123 6.63 3.13 24.00
CA HIS E 123 7.74 2.64 24.80
C HIS E 123 7.90 1.12 24.71
N LEU E 124 6.98 0.43 24.05
CA LEU E 124 7.07 -1.02 23.94
C LEU E 124 8.22 -1.40 23.03
N LYS E 125 9.13 -2.26 23.52
CA LYS E 125 10.30 -2.63 22.76
C LYS E 125 10.47 -4.15 22.79
N ARG E 126 10.97 -4.70 21.70
CA ARG E 126 11.42 -6.08 21.64
C ARG E 126 12.76 -6.20 22.36
N LEU E 127 12.90 -7.20 23.22
CA LEU E 127 14.16 -7.45 23.91
C LEU E 127 15.00 -8.40 23.07
N THR E 128 16.03 -7.85 22.42
CA THR E 128 16.86 -8.60 21.49
C THR E 128 18.34 -8.47 21.87
N SER E 129 19.22 -8.87 20.94
CA SER E 129 20.67 -8.81 21.09
C SER E 129 21.17 -9.95 21.99
N ASN F 9 8.94 -44.17 39.87
CA ASN F 9 10.26 -43.63 40.13
C ASN F 9 10.42 -42.23 39.54
N ASN F 10 11.62 -41.89 39.12
CA ASN F 10 11.92 -40.58 38.58
C ASN F 10 11.43 -40.48 37.14
N PHE F 11 11.73 -39.34 36.49
CA PHE F 11 11.20 -39.09 35.16
C PHE F 11 11.62 -40.14 34.12
N PRO F 12 12.87 -40.61 34.06
CA PRO F 12 13.19 -41.67 33.08
C PRO F 12 12.32 -42.91 33.22
N ALA F 13 12.06 -43.35 34.47
CA ALA F 13 11.21 -44.53 34.66
C ALA F 13 9.78 -44.27 34.22
N LYS F 14 9.22 -43.10 34.56
CA LYS F 14 7.89 -42.79 34.07
C LYS F 14 7.84 -42.80 32.56
N LEU F 15 8.84 -42.19 31.92
CA LEU F 15 8.86 -42.12 30.47
C LEU F 15 8.93 -43.49 29.85
N TRP F 16 9.81 -44.36 30.37
CA TRP F 16 9.89 -45.73 29.87
C TRP F 16 8.56 -46.45 30.02
N ARG F 17 7.92 -46.32 31.19
CA ARG F 17 6.63 -46.96 31.41
C ARG F 17 5.59 -46.45 30.42
N LEU F 18 5.52 -45.13 30.23
CA LEU F 18 4.52 -44.56 29.34
C LEU F 18 4.72 -45.01 27.91
N VAL F 19 5.96 -44.92 27.41
CA VAL F 19 6.20 -45.25 26.00
C VAL F 19 5.96 -46.74 25.78
N ASN F 20 6.42 -47.60 26.70
CA ASN F 20 6.29 -49.03 26.50
C ASN F 20 4.89 -49.56 26.77
N SER F 21 4.09 -48.86 27.58
CA SER F 21 2.80 -49.41 27.96
C SER F 21 1.75 -49.09 26.89
N PRO F 22 1.06 -50.10 26.36
CA PRO F 22 0.01 -49.81 25.37
C PRO F 22 -1.24 -49.17 25.96
N ARG F 23 -1.44 -49.21 27.27
CA ARG F 23 -2.59 -48.52 27.85
C ARG F 23 -2.50 -47.00 27.68
N TYR F 24 -1.29 -46.43 27.70
CA TYR F 24 -1.12 -44.99 27.52
C TYR F 24 -0.89 -44.75 26.06
N ARG F 25 -1.98 -44.34 25.40
CA ARG F 25 -2.12 -44.41 23.97
C ARG F 25 -1.36 -43.31 23.28
N SER F 26 -1.18 -42.18 23.96
CA SER F 26 -0.69 -40.92 23.43
C SER F 26 0.80 -40.83 23.31
N ILE F 27 1.56 -41.73 23.93
CA ILE F 27 3.01 -41.66 23.90
C ILE F 27 3.55 -43.07 23.65
N ARG F 28 4.30 -43.24 22.56
CA ARG F 28 4.65 -44.58 22.11
C ARG F 28 5.98 -44.57 21.35
N TRP F 29 6.54 -45.76 21.15
CA TRP F 29 7.79 -45.91 20.42
C TRP F 29 7.62 -45.57 18.94
N ASP F 30 8.69 -45.03 18.34
CA ASP F 30 8.77 -44.84 16.89
C ASP F 30 9.15 -46.17 16.22
N GLY F 31 9.38 -46.11 14.91
CA GLY F 31 9.66 -47.32 14.14
C GLY F 31 10.98 -47.97 14.51
N ARG F 32 11.88 -47.20 15.08
CA ARG F 32 13.21 -47.63 15.44
C ARG F 32 13.27 -48.04 16.90
N GLY F 33 12.30 -47.59 17.69
CA GLY F 33 12.38 -47.73 19.12
C GLY F 33 13.48 -46.92 19.78
N GLU F 34 13.90 -45.80 19.16
CA GLU F 34 14.84 -44.84 19.74
C GLU F 34 14.21 -43.48 19.92
N GLY F 35 12.93 -43.34 19.68
CA GLY F 35 12.30 -42.06 19.93
C GLY F 35 10.85 -42.31 20.24
N LEU F 36 10.22 -41.28 20.76
CA LEU F 36 8.84 -41.37 21.18
C LEU F 36 8.00 -40.40 20.37
N LEU F 37 6.78 -40.83 20.12
CA LEU F 37 5.76 -40.05 19.45
C LEU F 37 4.72 -39.70 20.49
N ILE F 38 4.36 -38.42 20.53
CA ILE F 38 3.41 -37.90 21.51
C ILE F 38 2.31 -37.16 20.76
N ASP F 39 1.07 -37.59 20.96
CA ASP F 39 -0.09 -36.84 20.48
C ASP F 39 -0.53 -35.91 21.60
N GLN F 40 -0.25 -34.62 21.44
CA GLN F 40 -0.42 -33.69 22.55
C GLN F 40 -1.85 -33.62 23.08
N PRO F 41 -2.89 -33.46 22.25
CA PRO F 41 -4.25 -33.47 22.84
C PRO F 41 -4.52 -34.73 23.64
N LEU F 42 -4.19 -35.90 23.09
CA LEU F 42 -4.43 -37.13 23.82
C LEU F 42 -3.58 -37.19 25.09
N PHE F 43 -2.32 -36.75 25.01
CA PHE F 43 -1.45 -36.77 26.19
C PHE F 43 -2.02 -35.90 27.30
N GLU F 44 -2.47 -34.70 26.96
CA GLU F 44 -3.10 -33.84 27.97
C GLU F 44 -4.38 -34.46 28.49
N ALA F 45 -5.14 -35.16 27.62
CA ALA F 45 -6.41 -35.72 28.03
C ALA F 45 -6.24 -36.90 28.97
N GLU F 46 -5.26 -37.77 28.71
CA GLU F 46 -5.15 -38.98 29.49
C GLU F 46 -4.03 -38.95 30.52
N LEU F 47 -3.07 -38.02 30.48
CA LEU F 47 -2.12 -37.99 31.58
C LEU F 47 -2.00 -36.63 32.23
N LEU F 48 -2.73 -35.63 31.80
CA LEU F 48 -2.67 -34.34 32.49
C LEU F 48 -4.02 -33.95 33.08
N SER F 49 -5.14 -34.69 32.72
CA SER F 49 -6.52 -34.47 33.10
C SER F 49 -6.73 -35.14 34.47
N PRO F 50 -7.18 -34.44 35.54
CA PRO F 50 -7.72 -35.45 36.46
C PRO F 50 -8.95 -36.13 35.83
N LEU F 68 0.48 -40.35 36.49
CA LEU F 68 0.17 -39.35 37.51
C LEU F 68 1.21 -38.22 37.54
N PHE F 69 1.13 -37.32 36.57
CA PHE F 69 1.95 -36.11 36.61
C PHE F 69 1.39 -35.13 37.62
N LYS F 70 2.29 -34.34 38.22
CA LYS F 70 1.79 -33.31 39.11
C LYS F 70 1.49 -32.02 38.35
N THR F 71 2.21 -31.74 37.27
CA THR F 71 1.87 -30.60 36.43
C THR F 71 0.66 -30.94 35.56
N THR F 72 -0.11 -29.93 35.19
CA THR F 72 -1.18 -30.07 34.21
C THR F 72 -0.82 -29.43 32.88
N SER F 73 0.43 -28.99 32.73
CA SER F 73 0.87 -28.23 31.58
C SER F 73 1.82 -29.07 30.73
N PHE F 74 1.47 -29.24 29.45
CA PHE F 74 2.32 -29.98 28.54
C PHE F 74 3.68 -29.31 28.36
N THR F 75 3.73 -27.98 28.49
CA THR F 75 4.99 -27.26 28.35
C THR F 75 5.99 -27.66 29.43
N SER F 76 5.52 -27.95 30.64
CA SER F 76 6.43 -28.43 31.68
C SER F 76 6.93 -29.84 31.36
N PHE F 77 6.08 -30.68 30.75
CA PHE F 77 6.55 -31.98 30.29
C PHE F 77 7.63 -31.83 29.21
N ILE F 78 7.45 -30.85 28.31
CA ILE F 78 8.48 -30.57 27.31
C ILE F 78 9.78 -30.14 27.99
N ARG F 79 9.66 -29.27 29.01
CA ARG F 79 10.83 -28.86 29.76
C ARG F 79 11.55 -30.07 30.35
N GLN F 80 10.80 -31.03 30.89
CA GLN F 80 11.43 -32.23 31.42
C GLN F 80 12.14 -33.01 30.32
N LEU F 81 11.49 -33.19 29.17
CA LEU F 81 12.12 -33.93 28.07
C LEU F 81 13.43 -33.28 27.66
N ASN F 82 13.43 -31.96 27.48
CA ASN F 82 14.64 -31.23 27.11
C ASN F 82 15.69 -31.29 28.22
N LEU F 83 15.27 -31.16 29.48
CA LEU F 83 16.18 -31.16 30.61
C LEU F 83 16.99 -32.44 30.68
N TYR F 84 16.40 -33.56 30.28
CA TYR F 84 17.08 -34.84 30.28
C TYR F 84 17.74 -35.14 28.95
N GLY F 85 17.84 -34.16 28.06
CA GLY F 85 18.63 -34.32 26.86
C GLY F 85 17.86 -34.79 25.64
N PHE F 86 16.55 -34.91 25.73
CA PHE F 86 15.77 -35.27 24.55
C PHE F 86 15.71 -34.09 23.58
N ARG F 87 15.73 -34.39 22.29
CA ARG F 87 15.66 -33.35 21.27
C ARG F 87 14.56 -33.68 20.27
N LYS F 88 13.96 -32.62 19.73
CA LYS F 88 12.93 -32.75 18.71
C LYS F 88 13.53 -33.15 17.36
N VAL F 89 12.76 -33.92 16.59
CA VAL F 89 13.16 -34.34 15.24
C VAL F 89 11.98 -34.22 14.29
N VAL F 90 12.27 -34.39 13.01
CA VAL F 90 11.29 -34.46 11.93
C VAL F 90 10.51 -35.77 12.02
N GLY F 103 -4.19 -34.10 16.78
CA GLY F 103 -3.51 -32.83 16.66
C GLY F 103 -2.06 -32.95 16.23
N PRO F 104 -1.18 -32.17 16.85
CA PRO F 104 0.25 -32.23 16.50
C PRO F 104 0.94 -33.43 17.12
N LEU F 105 1.72 -34.14 16.32
CA LEU F 105 2.49 -35.31 16.77
C LEU F 105 3.95 -34.89 16.94
N HIS F 106 4.40 -34.84 18.20
CA HIS F 106 5.79 -34.55 18.52
C HIS F 106 6.63 -35.82 18.49
N HIS F 107 7.86 -35.69 17.98
CA HIS F 107 8.79 -36.80 17.86
C HIS F 107 10.07 -36.41 18.59
N PHE F 108 10.31 -37.06 19.73
CA PHE F 108 11.49 -36.76 20.54
C PHE F 108 12.45 -37.93 20.56
N HIS F 109 13.72 -37.63 20.82
CA HIS F 109 14.76 -38.66 20.82
C HIS F 109 15.91 -38.31 21.76
N ASN F 110 16.56 -39.35 22.27
CA ASN F 110 17.73 -39.31 23.13
C ASN F 110 18.55 -40.56 22.84
N PRO F 111 19.86 -40.45 22.59
CA PRO F 111 20.65 -41.67 22.31
C PRO F 111 20.59 -42.71 23.40
N HIS F 112 20.29 -42.31 24.64
CA HIS F 112 20.27 -43.24 25.77
C HIS F 112 18.87 -43.75 26.07
N PHE F 113 17.91 -43.52 25.19
CA PHE F 113 16.53 -43.98 25.36
C PHE F 113 16.13 -44.78 24.12
N ARG F 114 16.37 -46.08 24.14
CA ARG F 114 16.10 -46.94 22.99
C ARG F 114 15.59 -48.28 23.49
N ARG F 115 14.60 -48.81 22.79
CA ARG F 115 13.86 -49.98 23.26
C ARG F 115 14.77 -51.17 23.49
N ASP F 116 15.67 -51.45 22.55
CA ASP F 116 16.49 -52.65 22.64
C ASP F 116 17.75 -52.47 23.48
N GLN F 117 17.92 -51.32 24.13
CA GLN F 117 19.06 -51.09 25.03
C GLN F 117 18.61 -50.37 26.29
N PRO F 118 17.84 -51.05 27.17
CA PRO F 118 17.43 -50.39 28.42
C PRO F 118 18.57 -50.08 29.36
N GLN F 119 19.70 -50.78 29.27
CA GLN F 119 20.83 -50.51 30.15
C GLN F 119 21.36 -49.10 30.01
N LEU F 120 21.03 -48.41 28.92
CA LEU F 120 21.47 -47.04 28.71
C LEU F 120 20.69 -46.03 29.55
N LEU F 121 19.54 -46.41 30.11
CA LEU F 121 18.74 -45.43 30.83
C LEU F 121 19.49 -44.82 32.01
N VAL F 122 20.49 -45.53 32.55
CA VAL F 122 21.27 -45.04 33.66
C VAL F 122 21.98 -43.74 33.31
N HIS F 123 22.21 -43.49 32.01
CA HIS F 123 22.89 -42.29 31.57
C HIS F 123 21.98 -41.08 31.48
N LEU F 124 20.67 -41.24 31.65
CA LEU F 124 19.76 -40.11 31.57
C LEU F 124 19.91 -39.28 32.85
N LYS F 125 20.31 -38.03 32.68
CA LYS F 125 20.60 -37.14 33.80
C LYS F 125 20.01 -35.77 33.52
N ARG F 126 19.72 -35.04 34.58
CA ARG F 126 19.29 -33.65 34.43
C ARG F 126 20.47 -32.77 34.01
N LEU F 127 20.17 -31.77 33.19
CA LEU F 127 21.12 -30.78 32.69
C LEU F 127 22.21 -31.38 31.80
#